data_1DI1
#
_entry.id   1DI1
#
_cell.length_a   208.200
_cell.length_b   208.200
_cell.length_c   139.600
_cell.angle_alpha   90.00
_cell.angle_beta   90.00
_cell.angle_gamma   90.00
#
_symmetry.space_group_name_H-M   'I 4 2 2'
#
loop_
_entity.id
_entity.type
_entity.pdbx_description
1 polymer 'ARISTOLOCHENE SYNTHASE'
2 water water
#
_entity_poly.entity_id   1
_entity_poly.type   'polypeptide(L)'
_entity_poly.pdbx_seq_one_letter_code
;TPPPTQWSYLCHPRVKEVQDEVDGYFLENWKFPSFKAVRTFLDAKFSEVTCLYFPLALDDRIHFACRLLTVLFLIDDVLE
HMSFADGEAYNNRLIPISRGDVLPDRTKPEEFILYDLWESMRAHDAELANEVLEPTFVFMRAQTDRARLSIHELGHYLEY
REKDVGKALLSALMRFSMGLRLSADELQDMKALEANCAKQLSVVNDIYSYDKEEEASRTGHKEGAFLCSAVKVLAEESKL
GIPATKRVLWSMTREWETVHDEIVAEKIASPDGCSEAAKAYMKGLEYQMSGNEQWSKTTR
;
_entity_poly.pdbx_strand_id   A,B
#
# COMPACT_ATOMS: atom_id res chain seq x y z
N THR A 1 45.31 10.57 21.87
CA THR A 1 45.96 10.35 23.19
C THR A 1 45.78 8.95 23.80
N PRO A 2 45.28 7.98 23.02
CA PRO A 2 45.11 6.65 23.63
C PRO A 2 46.44 5.92 23.80
N PRO A 3 46.59 5.17 24.91
CA PRO A 3 47.84 4.44 25.14
C PRO A 3 48.10 3.43 24.04
N PRO A 4 49.34 2.93 23.96
CA PRO A 4 49.67 1.95 22.92
C PRO A 4 48.87 0.65 23.00
N THR A 5 48.60 0.09 21.83
CA THR A 5 47.86 -1.16 21.74
C THR A 5 48.74 -2.18 21.04
N GLN A 6 48.57 -3.45 21.39
CA GLN A 6 49.35 -4.53 20.80
C GLN A 6 48.79 -4.97 19.45
N TRP A 7 47.55 -4.56 19.16
CA TRP A 7 46.89 -4.95 17.93
C TRP A 7 46.95 -3.93 16.80
N SER A 8 46.91 -4.43 15.56
CA SER A 8 46.93 -3.59 14.38
C SER A 8 45.62 -3.81 13.63
N TYR A 9 44.84 -2.76 13.45
CA TYR A 9 43.58 -2.88 12.74
C TYR A 9 43.85 -3.24 11.28
N LEU A 10 42.80 -3.58 10.56
CA LEU A 10 42.92 -3.97 9.17
C LEU A 10 41.59 -3.64 8.48
N CYS A 11 41.65 -3.18 7.24
CA CYS A 11 40.44 -2.87 6.51
C CYS A 11 40.32 -3.84 5.35
N HIS A 12 39.12 -4.33 5.06
CA HIS A 12 38.97 -5.29 3.98
C HIS A 12 39.52 -4.73 2.68
N PRO A 13 40.39 -5.51 2.00
CA PRO A 13 41.02 -5.11 0.74
C PRO A 13 40.09 -4.55 -0.32
N ARG A 14 38.88 -5.11 -0.43
CA ARG A 14 37.93 -4.65 -1.44
C ARG A 14 36.99 -3.53 -0.99
N VAL A 15 37.31 -2.89 0.12
CA VAL A 15 36.45 -1.84 0.66
C VAL A 15 36.00 -0.80 -0.36
N LYS A 16 36.90 -0.35 -1.23
CA LYS A 16 36.53 0.69 -2.21
C LYS A 16 35.44 0.27 -3.18
N GLU A 17 35.63 -0.87 -3.82
CA GLU A 17 34.62 -1.34 -4.76
C GLU A 17 33.31 -1.63 -4.03
N VAL A 18 33.38 -2.43 -2.98
CA VAL A 18 32.19 -2.80 -2.23
C VAL A 18 31.37 -1.60 -1.77
N GLN A 19 32.03 -0.55 -1.28
CA GLN A 19 31.34 0.64 -0.81
C GLN A 19 30.55 1.34 -1.92
N ASP A 20 31.14 1.40 -3.11
CA ASP A 20 30.47 2.02 -4.23
C ASP A 20 29.25 1.17 -4.62
N GLU A 21 29.47 -0.13 -4.66
CA GLU A 21 28.44 -1.12 -5.00
C GLU A 21 27.25 -1.04 -4.05
N VAL A 22 27.50 -1.19 -2.76
CA VAL A 22 26.42 -1.17 -1.76
C VAL A 22 25.75 0.19 -1.59
N ASP A 23 26.54 1.23 -1.35
CA ASP A 23 25.97 2.56 -1.24
C ASP A 23 25.11 2.76 -2.48
N GLY A 24 25.67 2.39 -3.63
CA GLY A 24 24.98 2.53 -4.90
C GLY A 24 23.63 1.85 -4.88
N TYR A 25 23.62 0.60 -4.42
CA TYR A 25 22.40 -0.18 -4.33
C TYR A 25 21.32 0.58 -3.55
N PHE A 26 21.69 1.10 -2.38
CA PHE A 26 20.72 1.83 -1.59
C PHE A 26 20.28 3.15 -2.24
N LEU A 27 21.20 3.84 -2.90
CA LEU A 27 20.84 5.08 -3.57
C LEU A 27 19.81 4.75 -4.66
N GLU A 28 19.87 3.52 -5.18
CA GLU A 28 18.94 3.09 -6.23
C GLU A 28 17.60 2.60 -5.69
N ASN A 29 17.60 2.07 -4.48
CA ASN A 29 16.39 1.50 -3.92
C ASN A 29 15.74 2.09 -2.67
N TRP A 30 16.52 2.61 -1.73
CA TRP A 30 15.94 3.14 -0.51
C TRP A 30 15.26 4.49 -0.76
N LYS A 31 14.09 4.67 -0.16
CA LYS A 31 13.35 5.91 -0.32
C LYS A 31 13.82 7.00 0.61
N PHE A 32 14.99 7.58 0.34
CA PHE A 32 15.48 8.63 1.21
C PHE A 32 14.47 9.77 1.18
N PRO A 33 14.24 10.42 2.31
CA PRO A 33 13.27 11.52 2.37
C PRO A 33 13.72 12.87 1.80
N SER A 34 15.02 13.07 1.61
CA SER A 34 15.52 14.33 1.08
C SER A 34 16.94 14.14 0.61
N PHE A 35 17.45 15.13 -0.12
CA PHE A 35 18.82 15.06 -0.60
C PHE A 35 19.79 15.21 0.58
N LYS A 36 19.38 15.98 1.59
CA LYS A 36 20.23 16.11 2.77
C LYS A 36 20.29 14.76 3.50
N ALA A 37 19.21 14.00 3.41
CA ALA A 37 19.15 12.69 4.05
C ALA A 37 20.21 11.83 3.40
N VAL A 38 20.37 12.03 2.11
CA VAL A 38 21.37 11.30 1.32
C VAL A 38 22.78 11.70 1.74
N ARG A 39 23.01 13.01 1.98
CA ARG A 39 24.34 13.42 2.42
C ARG A 39 24.64 12.71 3.73
N THR A 40 23.69 12.79 4.67
CA THR A 40 23.86 12.14 5.96
C THR A 40 24.17 10.66 5.76
N PHE A 41 23.44 10.01 4.87
CA PHE A 41 23.65 8.59 4.61
C PHE A 41 25.08 8.31 4.14
N LEU A 42 25.52 9.01 3.11
CA LEU A 42 26.86 8.80 2.57
C LEU A 42 27.97 9.11 3.58
N ASP A 43 27.79 10.13 4.40
CA ASP A 43 28.78 10.50 5.38
C ASP A 43 29.01 9.39 6.40
N ALA A 44 28.02 8.54 6.61
CA ALA A 44 28.13 7.46 7.58
C ALA A 44 29.12 6.38 7.14
N LYS A 45 29.26 6.19 5.83
CA LYS A 45 30.18 5.18 5.27
C LYS A 45 30.03 3.82 5.95
N PHE A 46 28.80 3.33 5.98
CA PHE A 46 28.50 2.04 6.62
C PHE A 46 29.33 0.90 6.08
N SER A 47 29.68 0.93 4.81
CA SER A 47 30.49 -0.14 4.25
C SER A 47 31.92 -0.06 4.76
N GLU A 48 32.43 1.13 4.99
CA GLU A 48 33.78 1.26 5.52
C GLU A 48 33.83 0.68 6.94
N VAL A 49 32.81 0.96 7.73
CA VAL A 49 32.74 0.46 9.09
C VAL A 49 32.75 -1.07 9.07
N THR A 50 31.89 -1.63 8.22
CA THR A 50 31.76 -3.07 8.06
C THR A 50 33.11 -3.68 7.65
N CYS A 51 33.78 -3.00 6.72
CA CYS A 51 35.07 -3.47 6.24
C CYS A 51 36.19 -3.38 7.27
N LEU A 52 36.03 -2.51 8.26
CA LEU A 52 37.03 -2.37 9.31
C LEU A 52 36.74 -3.41 10.36
N TYR A 53 35.49 -3.85 10.43
CA TYR A 53 35.07 -4.84 11.41
C TYR A 53 35.38 -6.27 11.00
N PHE A 54 35.23 -6.54 9.71
CA PHE A 54 35.46 -7.87 9.18
C PHE A 54 36.50 -7.85 8.07
N PRO A 55 37.71 -7.39 8.38
CA PRO A 55 38.75 -7.35 7.33
C PRO A 55 39.10 -8.70 6.74
N LEU A 56 38.76 -9.79 7.44
CA LEU A 56 39.06 -11.14 6.95
C LEU A 56 37.86 -11.82 6.30
N ALA A 57 36.82 -11.05 5.98
CA ALA A 57 35.68 -11.64 5.33
C ALA A 57 36.10 -12.17 3.95
N LEU A 58 35.41 -13.19 3.45
CA LEU A 58 35.72 -13.73 2.14
C LEU A 58 35.38 -12.67 1.11
N ASP A 59 36.18 -12.59 0.04
CA ASP A 59 35.94 -11.57 -0.97
C ASP A 59 34.55 -11.54 -1.56
N ASP A 60 33.90 -12.69 -1.67
CA ASP A 60 32.56 -12.72 -2.23
C ASP A 60 31.44 -12.70 -1.20
N ARG A 61 31.80 -12.42 0.05
CA ARG A 61 30.82 -12.36 1.13
C ARG A 61 30.75 -11.01 1.84
N ILE A 62 31.85 -10.26 1.83
CA ILE A 62 31.89 -8.96 2.52
C ILE A 62 30.78 -8.00 2.10
N HIS A 63 30.31 -8.08 0.86
CA HIS A 63 29.24 -7.18 0.43
C HIS A 63 27.95 -7.54 1.18
N PHE A 64 27.77 -8.81 1.54
CA PHE A 64 26.58 -9.22 2.28
C PHE A 64 26.51 -8.50 3.63
N ALA A 65 27.64 -8.48 4.34
CA ALA A 65 27.71 -7.82 5.63
C ALA A 65 27.43 -6.32 5.51
N CYS A 66 28.01 -5.70 4.49
CA CYS A 66 27.79 -4.27 4.27
C CYS A 66 26.30 -4.01 4.03
N ARG A 67 25.70 -4.82 3.16
CA ARG A 67 24.29 -4.66 2.87
C ARG A 67 23.43 -4.88 4.12
N LEU A 68 23.73 -5.90 4.91
CA LEU A 68 22.95 -6.19 6.11
C LEU A 68 23.08 -5.09 7.17
N LEU A 69 24.31 -4.68 7.49
CA LEU A 69 24.50 -3.63 8.47
C LEU A 69 23.89 -2.32 8.00
N THR A 70 24.02 -2.03 6.70
CA THR A 70 23.47 -0.79 6.17
C THR A 70 21.95 -0.73 6.34
N VAL A 71 21.25 -1.77 5.88
CA VAL A 71 19.81 -1.77 5.99
C VAL A 71 19.36 -1.78 7.45
N LEU A 72 20.12 -2.42 8.32
CA LEU A 72 19.76 -2.46 9.73
C LEU A 72 19.95 -1.09 10.35
N PHE A 73 20.96 -0.34 9.92
CA PHE A 73 21.17 0.99 10.47
C PHE A 73 20.05 1.89 10.00
N LEU A 74 19.71 1.78 8.73
CA LEU A 74 18.61 2.55 8.17
C LEU A 74 17.35 2.26 8.95
N ILE A 75 17.07 0.97 9.14
CA ILE A 75 15.87 0.55 9.86
C ILE A 75 15.89 1.04 11.31
N ASP A 76 17.03 0.88 11.98
CA ASP A 76 17.16 1.33 13.35
C ASP A 76 16.76 2.80 13.47
N ASP A 77 17.14 3.59 12.48
CA ASP A 77 16.79 5.01 12.47
C ASP A 77 15.28 5.18 12.29
N VAL A 78 14.70 4.40 11.39
CA VAL A 78 13.26 4.47 11.16
C VAL A 78 12.50 4.18 12.45
N LEU A 79 12.90 3.11 13.14
CA LEU A 79 12.27 2.71 14.38
C LEU A 79 12.40 3.75 15.49
N GLU A 80 13.53 4.45 15.50
CA GLU A 80 13.78 5.44 16.53
C GLU A 80 12.80 6.59 16.49
N HIS A 81 12.29 6.89 15.30
CA HIS A 81 11.36 7.99 15.15
C HIS A 81 9.89 7.64 15.23
N MET A 82 9.56 6.36 15.30
CA MET A 82 8.16 5.97 15.42
C MET A 82 7.87 5.45 16.80
N SER A 83 6.62 5.60 17.23
CA SER A 83 6.16 5.15 18.54
C SER A 83 6.47 3.68 18.77
N PHE A 84 6.48 3.25 20.03
CA PHE A 84 6.76 1.87 20.37
C PHE A 84 5.83 0.92 19.61
N ALA A 85 4.55 1.30 19.54
CA ALA A 85 3.57 0.47 18.86
C ALA A 85 3.86 0.27 17.40
N ASP A 86 4.03 1.37 16.66
CA ASP A 86 4.30 1.27 15.24
C ASP A 86 5.60 0.53 14.95
N GLY A 87 6.57 0.66 15.87
CA GLY A 87 7.84 -0.02 15.73
C GLY A 87 7.67 -1.53 15.84
N GLU A 88 6.81 -1.92 16.77
CA GLU A 88 6.49 -3.32 17.01
C GLU A 88 5.95 -3.91 15.70
N ALA A 89 5.04 -3.18 15.07
CA ALA A 89 4.41 -3.60 13.83
C ALA A 89 5.40 -3.62 12.67
N TYR A 90 6.31 -2.65 12.65
CA TYR A 90 7.32 -2.56 11.60
C TYR A 90 8.13 -3.85 11.56
N ASN A 91 8.64 -4.26 12.71
CA ASN A 91 9.43 -5.48 12.82
C ASN A 91 8.61 -6.72 12.51
N ASN A 92 7.39 -6.78 13.06
CA ASN A 92 6.51 -7.91 12.83
C ASN A 92 6.24 -8.09 11.35
N ARG A 93 6.26 -7.00 10.61
CA ARG A 93 6.01 -7.10 9.19
C ARG A 93 7.27 -7.59 8.46
N LEU A 94 8.42 -7.12 8.93
CA LEU A 94 9.68 -7.43 8.30
C LEU A 94 10.33 -8.76 8.64
N ILE A 95 10.20 -9.23 9.87
CA ILE A 95 10.82 -10.49 10.23
C ILE A 95 10.33 -11.67 9.38
N PRO A 96 9.00 -11.82 9.21
CA PRO A 96 8.48 -12.93 8.39
C PRO A 96 9.04 -12.86 6.97
N ILE A 97 9.16 -11.63 6.47
CA ILE A 97 9.70 -11.42 5.13
C ILE A 97 11.17 -11.79 5.09
N SER A 98 11.90 -11.47 6.16
CA SER A 98 13.32 -11.78 6.23
C SER A 98 13.54 -13.28 6.26
N ARG A 99 12.62 -14.02 6.87
CA ARG A 99 12.71 -15.47 6.92
C ARG A 99 12.48 -16.05 5.53
N GLY A 100 11.83 -15.26 4.68
CA GLY A 100 11.52 -15.70 3.34
C GLY A 100 10.18 -16.42 3.31
N ASP A 101 9.42 -16.28 4.40
CA ASP A 101 8.10 -16.92 4.51
C ASP A 101 7.01 -16.08 3.87
N VAL A 102 7.29 -14.79 3.64
CA VAL A 102 6.32 -13.90 3.03
C VAL A 102 6.96 -13.10 1.92
N LEU A 103 6.30 -13.07 0.75
CA LEU A 103 6.82 -12.31 -0.38
C LEU A 103 6.72 -10.83 -0.08
N PRO A 104 7.68 -10.03 -0.55
CA PRO A 104 7.70 -8.59 -0.33
C PRO A 104 6.85 -7.75 -1.28
N ASP A 105 6.33 -6.64 -0.78
CA ASP A 105 5.56 -5.69 -1.57
C ASP A 105 6.60 -4.90 -2.35
N ARG A 106 6.73 -5.22 -3.64
CA ARG A 106 7.73 -4.60 -4.50
C ARG A 106 7.82 -3.08 -4.56
N THR A 107 6.97 -2.39 -3.83
CA THR A 107 7.01 -0.92 -3.82
C THR A 107 7.48 -0.42 -2.46
N LYS A 108 7.83 -1.35 -1.58
CA LYS A 108 8.30 -1.01 -0.25
C LYS A 108 9.75 -1.51 -0.15
N PRO A 109 10.72 -0.60 -0.28
CA PRO A 109 12.13 -0.96 -0.21
C PRO A 109 12.51 -1.71 1.07
N GLU A 110 11.97 -1.30 2.20
CA GLU A 110 12.29 -1.96 3.45
C GLU A 110 11.86 -3.42 3.41
N GLU A 111 10.92 -3.73 2.52
CA GLU A 111 10.43 -5.08 2.38
C GLU A 111 11.24 -5.87 1.35
N PHE A 112 11.39 -5.34 0.14
CA PHE A 112 12.12 -6.11 -0.85
C PHE A 112 13.63 -6.15 -0.69
N ILE A 113 14.23 -5.13 -0.07
CA ILE A 113 15.68 -5.12 0.16
C ILE A 113 16.04 -6.27 1.11
N LEU A 114 15.33 -6.36 2.23
CA LEU A 114 15.58 -7.42 3.19
C LEU A 114 15.30 -8.78 2.58
N TYR A 115 14.18 -8.89 1.88
CA TYR A 115 13.82 -10.15 1.24
C TYR A 115 14.92 -10.61 0.30
N ASP A 116 15.28 -9.75 -0.65
CA ASP A 116 16.32 -10.11 -1.61
C ASP A 116 17.67 -10.41 -0.94
N LEU A 117 17.98 -9.67 0.13
CA LEU A 117 19.25 -9.85 0.85
C LEU A 117 19.36 -11.25 1.46
N TRP A 118 18.39 -11.57 2.33
CA TRP A 118 18.37 -12.87 2.99
C TRP A 118 18.26 -14.03 2.03
N GLU A 119 17.50 -13.87 0.96
CA GLU A 119 17.37 -14.94 -0.01
C GLU A 119 18.74 -15.18 -0.63
N SER A 120 19.39 -14.10 -1.04
CA SER A 120 20.70 -14.24 -1.69
C SER A 120 21.75 -14.77 -0.71
N MET A 121 21.56 -14.52 0.57
CA MET A 121 22.50 -15.02 1.56
C MET A 121 22.33 -16.52 1.73
N ARG A 122 21.09 -16.97 1.91
CA ARG A 122 20.85 -18.40 2.07
C ARG A 122 21.33 -19.12 0.83
N ALA A 123 21.09 -18.51 -0.33
CA ALA A 123 21.50 -19.11 -1.59
C ALA A 123 23.02 -19.29 -1.67
N HIS A 124 23.75 -18.45 -0.96
CA HIS A 124 25.21 -18.53 -0.97
C HIS A 124 25.70 -19.55 0.02
N ASP A 125 25.12 -19.53 1.21
CA ASP A 125 25.49 -20.45 2.28
C ASP A 125 24.31 -20.47 3.26
N ALA A 126 23.36 -21.35 2.99
CA ALA A 126 22.18 -21.45 3.84
C ALA A 126 22.46 -21.78 5.31
N GLU A 127 23.37 -22.73 5.54
CA GLU A 127 23.70 -23.14 6.91
C GLU A 127 24.16 -21.96 7.78
N LEU A 128 25.10 -21.16 7.29
CA LEU A 128 25.59 -20.00 8.05
C LEU A 128 24.63 -18.83 7.96
N ALA A 129 23.97 -18.67 6.82
CA ALA A 129 23.00 -17.60 6.64
C ALA A 129 21.99 -17.67 7.78
N ASN A 130 21.49 -18.87 8.03
CA ASN A 130 20.52 -19.07 9.08
C ASN A 130 21.09 -18.83 10.47
N GLU A 131 22.41 -18.95 10.61
CA GLU A 131 23.05 -18.70 11.91
C GLU A 131 22.97 -17.23 12.28
N VAL A 132 22.71 -16.37 11.30
CA VAL A 132 22.64 -14.94 11.53
C VAL A 132 21.22 -14.42 11.72
N LEU A 133 20.23 -15.21 11.29
CA LEU A 133 18.83 -14.82 11.40
C LEU A 133 18.35 -14.37 12.78
N GLU A 134 18.40 -15.28 13.76
CA GLU A 134 17.94 -14.92 15.08
C GLU A 134 18.63 -13.70 15.63
N PRO A 135 19.97 -13.71 15.69
CA PRO A 135 20.67 -12.54 16.21
C PRO A 135 20.12 -11.26 15.59
N THR A 136 19.81 -11.30 14.29
CA THR A 136 19.29 -10.12 13.62
C THR A 136 17.92 -9.72 14.17
N PHE A 137 17.04 -10.69 14.36
CA PHE A 137 15.70 -10.41 14.87
C PHE A 137 15.75 -9.91 16.32
N VAL A 138 16.56 -10.57 17.15
CA VAL A 138 16.72 -10.16 18.53
C VAL A 138 17.14 -8.70 18.53
N PHE A 139 18.02 -8.34 17.59
CA PHE A 139 18.53 -6.99 17.48
C PHE A 139 17.50 -5.95 17.06
N MET A 140 16.73 -6.24 16.01
CA MET A 140 15.73 -5.26 15.59
C MET A 140 14.55 -5.16 16.54
N ARG A 141 14.31 -6.20 17.34
CA ARG A 141 13.21 -6.17 18.29
C ARG A 141 13.65 -5.35 19.49
N ALA A 142 14.95 -5.28 19.71
CA ALA A 142 15.50 -4.53 20.84
C ALA A 142 15.58 -3.03 20.55
N GLN A 143 15.22 -2.64 19.34
CA GLN A 143 15.29 -1.22 18.97
C GLN A 143 13.98 -0.48 19.22
N THR A 144 12.98 -1.19 19.76
CA THR A 144 11.68 -0.59 20.05
C THR A 144 11.54 -0.26 21.53
N ASP A 145 11.78 -1.24 22.40
CA ASP A 145 11.67 -1.08 23.86
C ASP A 145 12.50 0.09 24.40
N ARG A 146 11.82 1.06 25.00
CA ARG A 146 12.46 2.24 25.57
C ARG A 146 12.77 2.08 27.06
N ALA A 147 12.60 3.15 27.81
CA ALA A 147 12.85 3.16 29.24
C ALA A 147 14.33 2.93 29.52
N ARG A 148 14.66 1.74 30.04
CA ARG A 148 16.04 1.39 30.36
C ARG A 148 16.52 2.33 31.45
N LEU A 149 16.31 1.92 32.70
CA LEU A 149 16.71 2.70 33.87
C LEU A 149 18.24 2.87 33.93
N SER A 150 18.73 4.05 33.54
CA SER A 150 20.16 4.34 33.54
C SER A 150 20.90 3.74 34.73
N ILE A 151 21.97 2.99 34.44
CA ILE A 151 22.77 2.32 35.46
C ILE A 151 23.86 3.26 36.00
N HIS A 152 24.25 3.07 37.26
CA HIS A 152 25.26 3.93 37.85
C HIS A 152 26.54 3.31 38.41
N GLU A 153 26.65 1.98 38.41
CA GLU A 153 27.89 1.36 38.89
C GLU A 153 28.68 0.83 37.70
N LEU A 154 29.98 0.65 37.89
CA LEU A 154 30.86 0.18 36.82
C LEU A 154 30.61 -1.29 36.48
N GLY A 155 30.52 -2.12 37.51
CA GLY A 155 30.28 -3.54 37.28
C GLY A 155 29.01 -3.80 36.49
N HIS A 156 27.90 -3.28 36.97
CA HIS A 156 26.62 -3.48 36.31
C HIS A 156 26.58 -2.88 34.91
N TYR A 157 27.38 -1.84 34.67
CA TYR A 157 27.39 -1.24 33.35
C TYR A 157 28.10 -2.15 32.36
N LEU A 158 29.22 -2.70 32.79
CA LEU A 158 29.98 -3.61 31.94
C LEU A 158 29.17 -4.88 31.71
N GLU A 159 28.58 -5.43 32.77
CA GLU A 159 27.77 -6.64 32.64
C GLU A 159 26.65 -6.40 31.61
N TYR A 160 26.14 -5.19 31.59
CA TYR A 160 25.08 -4.84 30.66
C TYR A 160 25.57 -4.82 29.22
N ARG A 161 26.76 -4.27 29.01
CA ARG A 161 27.33 -4.19 27.67
C ARG A 161 27.75 -5.56 27.15
N GLU A 162 28.15 -6.45 28.05
CA GLU A 162 28.56 -7.79 27.65
C GLU A 162 27.45 -8.47 26.87
N LYS A 163 26.22 -8.18 27.26
CA LYS A 163 25.04 -8.77 26.64
C LYS A 163 24.43 -7.96 25.51
N ASP A 164 25.16 -6.98 25.01
CA ASP A 164 24.66 -6.16 23.92
C ASP A 164 24.28 -7.00 22.70
N VAL A 165 23.00 -6.98 22.35
CA VAL A 165 22.50 -7.76 21.20
C VAL A 165 23.16 -7.39 19.87
N GLY A 166 23.62 -6.15 19.75
CA GLY A 166 24.27 -5.72 18.53
C GLY A 166 25.61 -6.42 18.33
N LYS A 167 26.40 -6.46 19.40
CA LYS A 167 27.71 -7.10 19.36
C LYS A 167 27.58 -8.58 19.09
N ALA A 168 26.46 -9.15 19.53
CA ALA A 168 26.19 -10.57 19.32
C ALA A 168 25.93 -10.80 17.83
N LEU A 169 25.22 -9.87 17.23
CA LEU A 169 24.89 -9.94 15.80
C LEU A 169 26.18 -9.84 14.98
N LEU A 170 27.10 -8.97 15.40
CA LEU A 170 28.37 -8.79 14.70
C LEU A 170 29.15 -10.10 14.63
N SER A 171 29.24 -10.80 15.75
CA SER A 171 29.97 -12.06 15.76
C SER A 171 29.36 -13.12 14.85
N ALA A 172 28.03 -13.19 14.81
CA ALA A 172 27.36 -14.16 13.96
C ALA A 172 27.60 -13.78 12.50
N LEU A 173 27.35 -12.51 12.18
CA LEU A 173 27.53 -12.03 10.83
C LEU A 173 28.98 -12.27 10.40
N MET A 174 29.90 -12.14 11.35
CA MET A 174 31.31 -12.36 11.07
C MET A 174 31.57 -13.80 10.66
N ARG A 175 31.05 -14.75 11.44
CA ARG A 175 31.26 -16.16 11.10
C ARG A 175 30.78 -16.42 9.66
N PHE A 176 29.62 -15.86 9.31
CA PHE A 176 29.05 -16.03 7.98
C PHE A 176 29.96 -15.43 6.92
N SER A 177 30.42 -14.21 7.18
CA SER A 177 31.28 -13.48 6.27
C SER A 177 32.63 -14.14 6.07
N MET A 178 33.09 -14.88 7.08
CA MET A 178 34.37 -15.54 6.98
C MET A 178 34.19 -17.00 6.61
N GLY A 179 32.95 -17.45 6.53
CA GLY A 179 32.69 -18.84 6.20
C GLY A 179 33.16 -19.77 7.32
N LEU A 180 33.12 -19.31 8.56
CA LEU A 180 33.55 -20.10 9.70
C LEU A 180 32.48 -21.05 10.20
N ARG A 181 32.81 -22.34 10.23
CA ARG A 181 31.87 -23.34 10.71
C ARG A 181 32.31 -23.92 12.05
N LEU A 182 31.75 -23.38 13.13
CA LEU A 182 32.08 -23.84 14.46
C LEU A 182 30.96 -24.70 15.03
N SER A 183 31.32 -25.62 15.92
CA SER A 183 30.36 -26.49 16.57
C SER A 183 29.69 -25.75 17.74
N ALA A 184 28.58 -26.28 18.22
CA ALA A 184 27.86 -25.68 19.34
C ALA A 184 28.81 -25.58 20.55
N ASP A 185 29.59 -26.62 20.78
CA ASP A 185 30.53 -26.61 21.90
C ASP A 185 31.53 -25.48 21.74
N GLU A 186 32.10 -25.35 20.54
CA GLU A 186 33.06 -24.29 20.28
C GLU A 186 32.49 -22.92 20.59
N LEU A 187 31.27 -22.64 20.11
CA LEU A 187 30.63 -21.35 20.34
C LEU A 187 30.35 -21.09 21.82
N GLN A 188 29.97 -22.15 22.54
CA GLN A 188 29.68 -22.02 23.95
C GLN A 188 30.95 -21.72 24.73
N ASP A 189 32.03 -22.41 24.36
CA ASP A 189 33.32 -22.23 25.01
C ASP A 189 33.92 -20.89 24.60
N MET A 190 33.18 -20.14 23.79
CA MET A 190 33.66 -18.87 23.30
C MET A 190 33.04 -17.69 24.03
N LYS A 191 31.97 -17.95 24.77
CA LYS A 191 31.25 -16.91 25.49
C LYS A 191 32.10 -15.92 26.29
N ALA A 192 33.03 -16.44 27.06
CA ALA A 192 33.88 -15.58 27.86
C ALA A 192 34.59 -14.56 27.00
N LEU A 193 35.30 -15.05 25.99
CA LEU A 193 36.04 -14.20 25.10
C LEU A 193 35.11 -13.18 24.44
N GLU A 194 33.91 -13.63 24.11
CA GLU A 194 32.93 -12.77 23.47
C GLU A 194 32.47 -11.66 24.41
N ALA A 195 32.25 -12.01 25.67
CA ALA A 195 31.82 -11.04 26.67
C ALA A 195 32.88 -9.95 26.79
N ASN A 196 34.12 -10.39 26.97
CA ASN A 196 35.24 -9.47 27.07
C ASN A 196 35.28 -8.57 25.84
N CYS A 197 35.06 -9.13 24.67
CA CYS A 197 35.09 -8.35 23.43
C CYS A 197 33.99 -7.29 23.39
N ALA A 198 32.77 -7.69 23.70
CA ALA A 198 31.63 -6.78 23.72
C ALA A 198 31.94 -5.62 24.64
N LYS A 199 32.44 -5.96 25.82
CA LYS A 199 32.80 -4.98 26.84
C LYS A 199 33.84 -3.98 26.30
N GLN A 200 34.90 -4.50 25.68
CA GLN A 200 35.94 -3.65 25.14
C GLN A 200 35.42 -2.71 24.08
N LEU A 201 34.59 -3.24 23.19
CA LEU A 201 34.03 -2.43 22.10
C LEU A 201 33.24 -1.26 22.63
N SER A 202 32.44 -1.52 23.67
CA SER A 202 31.62 -0.49 24.26
C SER A 202 32.43 0.67 24.85
N VAL A 203 33.29 0.34 25.82
CA VAL A 203 34.10 1.36 26.46
C VAL A 203 34.83 2.22 25.43
N VAL A 204 35.42 1.60 24.41
CA VAL A 204 36.10 2.39 23.39
C VAL A 204 35.09 3.31 22.68
N ASN A 205 33.89 2.79 22.41
CA ASN A 205 32.87 3.59 21.77
C ASN A 205 32.54 4.76 22.70
N ASP A 206 32.30 4.45 23.97
CA ASP A 206 31.99 5.47 24.96
C ASP A 206 33.09 6.55 25.05
N ILE A 207 34.33 6.13 25.19
CA ILE A 207 35.42 7.10 25.27
C ILE A 207 35.34 8.14 24.16
N TYR A 208 35.06 7.71 22.93
CA TYR A 208 34.96 8.62 21.80
C TYR A 208 33.60 9.28 21.60
N SER A 209 32.55 8.74 22.21
CA SER A 209 31.23 9.31 22.02
C SER A 209 30.78 10.22 23.16
N TYR A 210 31.56 10.28 24.24
CA TYR A 210 31.16 11.12 25.37
C TYR A 210 30.92 12.60 25.05
N ASP A 211 31.91 13.26 24.47
CA ASP A 211 31.78 14.67 24.15
C ASP A 211 30.49 14.97 23.39
N LYS A 212 30.42 14.49 22.15
CA LYS A 212 29.26 14.71 21.32
C LYS A 212 27.96 14.31 22.02
N GLU A 213 28.04 13.36 22.92
CA GLU A 213 26.86 12.90 23.64
C GLU A 213 26.40 13.90 24.69
N GLU A 214 26.85 15.15 24.55
CA GLU A 214 26.50 16.21 25.50
C GLU A 214 25.48 17.22 24.98
N GLU A 215 24.28 17.18 25.60
CA GLU A 215 23.17 18.04 25.27
C GLU A 215 22.25 18.12 26.49
N ALA A 216 22.02 16.96 27.11
CA ALA A 216 21.17 16.82 28.29
C ALA A 216 21.10 15.35 28.68
N LEU A 227 22.67 9.26 30.81
CA LEU A 227 23.04 8.48 29.58
C LEU A 227 23.94 7.31 29.94
N CYS A 228 23.76 6.18 29.25
CA CYS A 228 24.57 4.99 29.50
C CYS A 228 25.96 5.15 28.89
N SER A 229 26.92 5.52 29.73
CA SER A 229 28.28 5.70 29.29
C SER A 229 29.22 5.27 30.40
N ALA A 230 30.25 4.50 30.04
CA ALA A 230 31.24 4.07 31.01
C ALA A 230 31.97 5.32 31.48
N VAL A 231 32.04 6.31 30.60
CA VAL A 231 32.71 7.55 30.94
C VAL A 231 31.97 8.24 32.07
N LYS A 232 30.65 8.34 31.96
CA LYS A 232 29.87 8.98 33.00
C LYS A 232 29.91 8.15 34.27
N VAL A 233 29.62 6.86 34.14
CA VAL A 233 29.59 5.96 35.27
C VAL A 233 30.86 5.98 36.12
N LEU A 234 32.02 5.85 35.49
CA LEU A 234 33.28 5.84 36.23
C LEU A 234 33.68 7.19 36.78
N ALA A 235 33.46 8.24 35.99
CA ALA A 235 33.81 9.60 36.41
C ALA A 235 33.11 9.97 37.71
N GLU A 236 31.91 9.45 37.92
CA GLU A 236 31.18 9.75 39.15
C GLU A 236 31.65 8.88 40.30
N GLU A 237 31.75 7.58 40.06
CA GLU A 237 32.20 6.64 41.08
C GLU A 237 33.56 7.00 41.66
N SER A 238 34.46 7.48 40.81
CA SER A 238 35.81 7.83 41.23
C SER A 238 35.99 9.31 41.54
N LYS A 239 35.01 10.11 41.17
CA LYS A 239 35.09 11.55 41.39
C LYS A 239 36.23 12.17 40.59
N LEU A 240 36.48 11.67 39.39
CA LEU A 240 37.55 12.21 38.56
C LEU A 240 36.98 13.07 37.42
N GLY A 241 37.83 13.88 36.81
CA GLY A 241 37.38 14.71 35.69
C GLY A 241 37.27 13.88 34.42
N ILE A 242 36.59 14.40 33.42
CA ILE A 242 36.44 13.65 32.19
C ILE A 242 37.77 13.24 31.57
N PRO A 243 38.71 14.17 31.40
CA PRO A 243 39.99 13.78 30.80
C PRO A 243 40.66 12.61 31.53
N ALA A 244 40.64 12.68 32.86
CA ALA A 244 41.23 11.64 33.70
C ALA A 244 40.48 10.33 33.54
N THR A 245 39.16 10.37 33.74
CA THR A 245 38.31 9.17 33.61
C THR A 245 38.64 8.46 32.29
N LYS A 246 38.65 9.21 31.19
CA LYS A 246 38.96 8.66 29.89
C LYS A 246 40.31 7.94 29.90
N ARG A 247 41.32 8.56 30.51
CA ARG A 247 42.66 7.94 30.57
C ARG A 247 42.58 6.62 31.34
N VAL A 248 41.76 6.59 32.37
CA VAL A 248 41.60 5.37 33.16
C VAL A 248 40.87 4.28 32.38
N LEU A 249 39.83 4.67 31.62
CA LEU A 249 39.10 3.70 30.80
C LEU A 249 40.04 3.16 29.70
N TRP A 250 40.88 4.02 29.16
CA TRP A 250 41.84 3.60 28.16
C TRP A 250 42.74 2.56 28.81
N SER A 251 43.09 2.81 30.06
CA SER A 251 43.95 1.92 30.82
C SER A 251 43.30 0.54 30.90
N MET A 252 42.04 0.52 31.31
CA MET A 252 41.32 -0.74 31.43
C MET A 252 41.19 -1.42 30.07
N THR A 253 40.85 -0.63 29.05
CA THR A 253 40.69 -1.15 27.70
C THR A 253 41.91 -1.99 27.30
N ARG A 254 43.11 -1.46 27.57
CA ARG A 254 44.35 -2.17 27.23
C ARG A 254 44.53 -3.47 28.05
N GLU A 255 43.95 -3.49 29.25
CA GLU A 255 44.05 -4.65 30.13
C GLU A 255 43.10 -5.73 29.62
N TRP A 256 41.97 -5.32 29.05
CA TRP A 256 41.02 -6.28 28.50
C TRP A 256 41.58 -6.86 27.21
N GLU A 257 42.41 -6.08 26.51
CA GLU A 257 43.02 -6.58 25.29
C GLU A 257 44.03 -7.65 25.68
N THR A 258 44.65 -7.48 26.84
CA THR A 258 45.60 -8.45 27.33
C THR A 258 44.83 -9.68 27.80
N VAL A 259 43.63 -9.49 28.36
CA VAL A 259 42.82 -10.61 28.81
C VAL A 259 42.43 -11.46 27.58
N HIS A 260 42.16 -10.78 26.47
CA HIS A 260 41.82 -11.44 25.23
C HIS A 260 42.98 -12.33 24.81
N ASP A 261 44.18 -11.77 24.79
CA ASP A 261 45.35 -12.53 24.39
C ASP A 261 45.57 -13.77 25.27
N GLU A 262 45.36 -13.63 26.58
CA GLU A 262 45.56 -14.75 27.47
C GLU A 262 44.55 -15.87 27.22
N ILE A 263 43.30 -15.50 27.03
CA ILE A 263 42.26 -16.49 26.78
C ILE A 263 42.52 -17.22 25.47
N VAL A 264 42.99 -16.48 24.47
CA VAL A 264 43.26 -17.07 23.17
C VAL A 264 44.40 -18.07 23.29
N ALA A 265 45.56 -17.61 23.76
CA ALA A 265 46.71 -18.47 23.96
C ALA A 265 46.36 -19.70 24.80
N GLU A 266 45.50 -19.50 25.81
CA GLU A 266 45.08 -20.58 26.69
C GLU A 266 44.26 -21.65 25.95
N LYS A 267 43.40 -21.21 25.05
CA LYS A 267 42.57 -22.15 24.30
C LYS A 267 43.36 -22.81 23.17
N ILE A 268 44.38 -22.11 22.70
CA ILE A 268 45.21 -22.65 21.63
C ILE A 268 46.15 -23.70 22.19
N ALA A 269 46.79 -23.41 23.30
CA ALA A 269 47.72 -24.36 23.90
C ALA A 269 46.96 -25.41 24.70
N SER A 270 45.63 -25.38 24.61
CA SER A 270 44.78 -26.34 25.32
C SER A 270 45.09 -27.78 24.93
N PRO A 271 44.80 -28.72 25.83
CA PRO A 271 45.03 -30.16 25.60
C PRO A 271 44.11 -30.73 24.53
N ASP A 272 42.86 -30.29 24.55
CA ASP A 272 41.84 -30.77 23.61
C ASP A 272 42.04 -30.23 22.21
N GLY A 273 42.95 -29.27 22.06
CA GLY A 273 43.21 -28.70 20.75
C GLY A 273 42.37 -27.47 20.45
N CYS A 274 42.57 -26.90 19.27
CA CYS A 274 41.86 -25.70 18.84
C CYS A 274 41.73 -25.73 17.32
N SER A 275 40.51 -25.91 16.81
CA SER A 275 40.30 -25.99 15.36
C SER A 275 40.74 -24.73 14.61
N GLU A 276 40.94 -24.86 13.30
CA GLU A 276 41.36 -23.71 12.52
C GLU A 276 40.23 -22.69 12.46
N ALA A 277 39.00 -23.17 12.53
CA ALA A 277 37.84 -22.30 12.49
C ALA A 277 37.79 -21.46 13.76
N ALA A 278 38.03 -22.12 14.89
CA ALA A 278 38.02 -21.46 16.18
C ALA A 278 39.10 -20.37 16.19
N LYS A 279 40.30 -20.75 15.77
CA LYS A 279 41.44 -19.84 15.71
C LYS A 279 41.12 -18.61 14.86
N ALA A 280 40.53 -18.86 13.70
CA ALA A 280 40.17 -17.78 12.78
C ALA A 280 39.13 -16.86 13.42
N TYR A 281 38.22 -17.48 14.16
CA TYR A 281 37.15 -16.77 14.85
C TYR A 281 37.68 -15.84 15.94
N MET A 282 38.64 -16.31 16.72
CA MET A 282 39.22 -15.49 17.79
C MET A 282 39.98 -14.33 17.17
N LYS A 283 40.70 -14.60 16.09
CA LYS A 283 41.45 -13.55 15.43
C LYS A 283 40.47 -12.54 14.84
N GLY A 284 39.28 -13.02 14.50
CA GLY A 284 38.26 -12.16 13.93
C GLY A 284 37.75 -11.18 14.96
N LEU A 285 37.65 -11.63 16.20
CA LEU A 285 37.20 -10.77 17.27
C LEU A 285 38.25 -9.68 17.49
N GLU A 286 39.51 -10.07 17.40
CA GLU A 286 40.61 -9.12 17.58
C GLU A 286 40.41 -7.98 16.58
N TYR A 287 40.12 -8.34 15.33
CA TYR A 287 39.92 -7.34 14.30
C TYR A 287 38.71 -6.45 14.52
N GLN A 288 37.67 -7.03 15.11
CA GLN A 288 36.46 -6.24 15.42
C GLN A 288 36.88 -5.11 16.36
N MET A 289 37.66 -5.45 17.39
CA MET A 289 38.09 -4.45 18.36
C MET A 289 39.08 -3.42 17.80
N SER A 290 40.09 -3.88 17.07
CA SER A 290 41.05 -2.95 16.51
C SER A 290 40.39 -2.11 15.41
N GLY A 291 39.50 -2.73 14.64
CA GLY A 291 38.83 -1.99 13.60
C GLY A 291 37.86 -0.98 14.19
N ASN A 292 37.18 -1.37 15.27
CA ASN A 292 36.24 -0.50 15.91
C ASN A 292 36.93 0.76 16.40
N GLU A 293 38.12 0.59 16.97
CA GLU A 293 38.87 1.72 17.47
C GLU A 293 39.27 2.61 16.32
N GLN A 294 39.92 2.05 15.31
CA GLN A 294 40.37 2.82 14.16
C GLN A 294 39.23 3.66 13.62
N TRP A 295 38.04 3.08 13.60
CA TRP A 295 36.88 3.78 13.11
C TRP A 295 36.43 4.87 14.07
N SER A 296 36.28 4.54 15.35
CA SER A 296 35.85 5.53 16.35
C SER A 296 36.84 6.69 16.39
N LYS A 297 38.09 6.36 16.16
CA LYS A 297 39.19 7.30 16.17
C LYS A 297 39.12 8.26 15.00
N THR A 298 38.42 7.87 13.94
CA THR A 298 38.30 8.71 12.75
C THR A 298 36.91 8.61 12.19
N THR A 299 35.97 9.40 12.71
CA THR A 299 34.60 9.32 12.23
C THR A 299 33.81 10.63 12.34
N ARG A 300 32.50 10.50 12.09
CA ARG A 300 31.55 11.61 12.16
C ARG A 300 32.12 12.93 11.67
N THR B 1 -43.35 14.76 -0.18
CA THR B 1 -44.76 14.97 -0.63
C THR B 1 -45.20 14.12 -1.85
N PRO B 2 -44.40 13.11 -2.25
CA PRO B 2 -44.84 12.32 -3.40
C PRO B 2 -45.97 11.37 -3.06
N PRO B 3 -46.92 11.20 -3.99
CA PRO B 3 -48.06 10.30 -3.74
C PRO B 3 -47.60 8.87 -3.50
N PRO B 4 -48.47 8.04 -2.93
CA PRO B 4 -48.09 6.65 -2.66
C PRO B 4 -47.71 5.86 -3.91
N THR B 5 -46.75 4.95 -3.73
CA THR B 5 -46.28 4.09 -4.81
C THR B 5 -46.53 2.64 -4.40
N GLN B 6 -46.79 1.80 -5.39
CA GLN B 6 -47.06 0.38 -5.15
C GLN B 6 -45.76 -0.42 -4.96
N TRP B 7 -44.65 0.18 -5.37
CA TRP B 7 -43.36 -0.50 -5.30
C TRP B 7 -42.52 -0.16 -4.06
N SER B 8 -41.68 -1.13 -3.67
CA SER B 8 -40.78 -0.96 -2.53
C SER B 8 -39.36 -1.07 -3.05
N TYR B 9 -38.57 -0.03 -2.86
CA TYR B 9 -37.19 -0.06 -3.33
C TYR B 9 -36.42 -1.11 -2.54
N LEU B 10 -35.20 -1.37 -2.98
CA LEU B 10 -34.35 -2.36 -2.33
C LEU B 10 -32.90 -1.99 -2.58
N CYS B 11 -32.05 -2.14 -1.56
CA CYS B 11 -30.64 -1.83 -1.76
C CYS B 11 -29.87 -3.15 -1.70
N HIS B 12 -28.86 -3.31 -2.55
CA HIS B 12 -28.10 -4.55 -2.55
C HIS B 12 -27.53 -4.84 -1.16
N PRO B 13 -27.76 -6.05 -0.65
CA PRO B 13 -27.28 -6.48 0.66
C PRO B 13 -25.81 -6.18 0.99
N ARG B 14 -24.94 -6.34 0.00
CA ARG B 14 -23.52 -6.11 0.21
C ARG B 14 -23.05 -4.67 -0.04
N VAL B 15 -23.98 -3.73 -0.10
CA VAL B 15 -23.63 -2.35 -0.37
C VAL B 15 -22.50 -1.79 0.47
N LYS B 16 -22.50 -2.06 1.77
CA LYS B 16 -21.46 -1.54 2.65
C LYS B 16 -20.04 -1.97 2.28
N GLU B 17 -19.84 -3.28 2.17
CA GLU B 17 -18.52 -3.80 1.81
C GLU B 17 -18.11 -3.30 0.42
N VAL B 18 -18.99 -3.53 -0.57
CA VAL B 18 -18.69 -3.11 -1.93
C VAL B 18 -18.30 -1.63 -2.06
N GLN B 19 -19.01 -0.75 -1.36
CA GLN B 19 -18.72 0.68 -1.42
C GLN B 19 -17.31 1.01 -0.91
N ASP B 20 -16.89 0.34 0.16
CA ASP B 20 -15.58 0.57 0.71
C ASP B 20 -14.54 0.07 -0.29
N GLU B 21 -14.80 -1.11 -0.83
CA GLU B 21 -13.93 -1.77 -1.80
C GLU B 21 -13.72 -0.91 -3.06
N VAL B 22 -14.81 -0.51 -3.69
CA VAL B 22 -14.73 0.28 -4.92
C VAL B 22 -14.22 1.69 -4.70
N ASP B 23 -14.84 2.43 -3.79
CA ASP B 23 -14.37 3.79 -3.50
C ASP B 23 -12.89 3.68 -3.21
N GLY B 24 -12.52 2.67 -2.41
CA GLY B 24 -11.14 2.44 -2.06
C GLY B 24 -10.27 2.30 -3.29
N TYR B 25 -10.71 1.45 -4.23
CA TYR B 25 -9.99 1.22 -5.46
C TYR B 25 -9.68 2.54 -6.18
N PHE B 26 -10.69 3.39 -6.31
CA PHE B 26 -10.47 4.66 -6.98
C PHE B 26 -9.58 5.63 -6.20
N LEU B 27 -9.71 5.63 -4.87
CA LEU B 27 -8.85 6.47 -4.04
C LEU B 27 -7.40 6.03 -4.24
N GLU B 28 -7.20 4.75 -4.57
CA GLU B 28 -5.86 4.21 -4.78
C GLU B 28 -5.32 4.46 -6.19
N ASN B 29 -6.21 4.54 -7.18
CA ASN B 29 -5.78 4.70 -8.56
C ASN B 29 -6.12 5.96 -9.35
N TRP B 30 -7.27 6.57 -9.09
CA TRP B 30 -7.64 7.73 -9.87
C TRP B 30 -6.86 8.97 -9.45
N LYS B 31 -6.44 9.76 -10.43
CA LYS B 31 -5.66 10.95 -10.15
C LYS B 31 -6.55 12.14 -9.80
N PHE B 32 -7.16 12.12 -8.61
CA PHE B 32 -7.99 13.26 -8.22
C PHE B 32 -7.11 14.50 -8.21
N PRO B 33 -7.66 15.63 -8.66
CA PRO B 33 -6.89 16.88 -8.69
C PRO B 33 -6.68 17.62 -7.38
N SER B 34 -7.47 17.30 -6.36
CA SER B 34 -7.34 17.95 -5.06
C SER B 34 -8.06 17.15 -4.01
N PHE B 35 -7.81 17.49 -2.74
CA PHE B 35 -8.44 16.78 -1.65
C PHE B 35 -9.92 17.13 -1.65
N LYS B 36 -10.27 18.35 -2.05
CA LYS B 36 -11.67 18.73 -2.11
C LYS B 36 -12.37 17.91 -3.22
N ALA B 37 -11.62 17.58 -4.27
CA ALA B 37 -12.16 16.78 -5.36
C ALA B 37 -12.56 15.44 -4.76
N VAL B 38 -11.74 14.97 -3.83
CA VAL B 38 -11.99 13.69 -3.17
C VAL B 38 -13.26 13.81 -2.32
N ARG B 39 -13.44 14.92 -1.64
CA ARG B 39 -14.65 15.04 -0.81
C ARG B 39 -15.84 14.94 -1.74
N THR B 40 -15.82 15.72 -2.81
CA THR B 40 -16.89 15.70 -3.78
C THR B 40 -17.13 14.27 -4.27
N PHE B 41 -16.06 13.55 -4.60
CA PHE B 41 -16.18 12.18 -5.06
C PHE B 41 -16.89 11.29 -4.04
N LEU B 42 -16.41 11.29 -2.81
CA LEU B 42 -17.03 10.44 -1.78
C LEU B 42 -18.47 10.79 -1.50
N ASP B 43 -18.79 12.08 -1.50
CA ASP B 43 -20.16 12.50 -1.25
C ASP B 43 -21.15 11.97 -2.29
N ALA B 44 -20.67 11.67 -3.49
CA ALA B 44 -21.55 11.15 -4.53
C ALA B 44 -22.06 9.74 -4.23
N LYS B 45 -21.28 8.95 -3.50
CA LYS B 45 -21.65 7.58 -3.16
C LYS B 45 -22.15 6.79 -4.35
N PHE B 46 -21.37 6.78 -5.43
CA PHE B 46 -21.70 6.07 -6.66
C PHE B 46 -22.03 4.60 -6.45
N SER B 47 -21.38 3.96 -5.49
CA SER B 47 -21.69 2.56 -5.25
C SER B 47 -23.06 2.40 -4.60
N GLU B 48 -23.46 3.34 -3.76
CA GLU B 48 -24.77 3.25 -3.15
C GLU B 48 -25.86 3.38 -4.23
N VAL B 49 -25.65 4.30 -5.18
CA VAL B 49 -26.60 4.50 -6.26
C VAL B 49 -26.74 3.21 -7.05
N THR B 50 -25.59 2.64 -7.40
CA THR B 50 -25.53 1.40 -8.15
C THR B 50 -26.27 0.30 -7.40
N CYS B 51 -26.05 0.24 -6.10
CA CYS B 51 -26.68 -0.78 -5.29
C CYS B 51 -28.18 -0.60 -5.12
N LEU B 52 -28.65 0.63 -5.31
CA LEU B 52 -30.09 0.91 -5.19
C LEU B 52 -30.73 0.58 -6.55
N TYR B 53 -29.93 0.64 -7.60
CA TYR B 53 -30.40 0.37 -8.95
C TYR B 53 -30.49 -1.10 -9.29
N PHE B 54 -29.52 -1.86 -8.80
CA PHE B 54 -29.44 -3.28 -9.07
C PHE B 54 -29.43 -4.10 -7.79
N PRO B 55 -30.46 -3.93 -6.93
CA PRO B 55 -30.46 -4.69 -5.69
C PRO B 55 -30.46 -6.21 -5.86
N LEU B 56 -30.77 -6.69 -7.06
CA LEU B 56 -30.80 -8.13 -7.30
C LEU B 56 -29.57 -8.62 -8.06
N ALA B 57 -28.53 -7.80 -8.09
CA ALA B 57 -27.32 -8.23 -8.79
C ALA B 57 -26.73 -9.41 -8.03
N LEU B 58 -25.99 -10.26 -8.72
CA LEU B 58 -25.35 -11.41 -8.07
C LEU B 58 -24.27 -10.86 -7.12
N ASP B 59 -24.10 -11.52 -5.97
CA ASP B 59 -23.13 -11.05 -4.99
C ASP B 59 -21.73 -10.84 -5.52
N ASP B 60 -21.30 -11.66 -6.48
CA ASP B 60 -19.96 -11.52 -7.03
C ASP B 60 -19.87 -10.69 -8.30
N ARG B 61 -20.97 -10.00 -8.63
CA ARG B 61 -21.01 -9.17 -9.83
C ARG B 61 -21.31 -7.70 -9.54
N ILE B 62 -22.05 -7.43 -8.46
CA ILE B 62 -22.41 -6.06 -8.13
C ILE B 62 -21.22 -5.09 -8.08
N HIS B 63 -20.04 -5.55 -7.69
CA HIS B 63 -18.89 -4.66 -7.64
C HIS B 63 -18.51 -4.20 -9.06
N PHE B 64 -18.74 -5.06 -10.06
CA PHE B 64 -18.46 -4.70 -11.45
C PHE B 64 -19.27 -3.47 -11.87
N ALA B 65 -20.56 -3.48 -11.54
CA ALA B 65 -21.45 -2.37 -11.89
C ALA B 65 -21.01 -1.10 -11.19
N CYS B 66 -20.64 -1.21 -9.91
CA CYS B 66 -20.19 -0.04 -9.17
C CYS B 66 -18.93 0.54 -9.83
N ARG B 67 -17.99 -0.34 -10.14
CA ARG B 67 -16.75 0.10 -10.77
C ARG B 67 -17.02 0.73 -12.13
N LEU B 68 -17.91 0.13 -12.92
CA LEU B 68 -18.22 0.67 -14.25
C LEU B 68 -18.91 2.03 -14.17
N LEU B 69 -19.99 2.13 -13.38
CA LEU B 69 -20.70 3.40 -13.26
C LEU B 69 -19.80 4.49 -12.66
N THR B 70 -18.97 4.11 -11.68
CA THR B 70 -18.08 5.09 -11.07
C THR B 70 -17.11 5.66 -12.09
N VAL B 71 -16.39 4.79 -12.80
CA VAL B 71 -15.43 5.31 -13.77
C VAL B 71 -16.11 6.10 -14.89
N LEU B 72 -17.34 5.70 -15.25
CA LEU B 72 -18.05 6.42 -16.30
C LEU B 72 -18.47 7.80 -15.81
N PHE B 73 -18.85 7.91 -14.54
CA PHE B 73 -19.23 9.23 -14.00
C PHE B 73 -17.99 10.10 -13.97
N LEU B 74 -16.88 9.53 -13.49
CA LEU B 74 -15.64 10.28 -13.44
C LEU B 74 -15.30 10.77 -14.84
N ILE B 75 -15.35 9.87 -15.81
CA ILE B 75 -15.04 10.23 -17.19
C ILE B 75 -16.01 11.28 -17.73
N ASP B 76 -17.30 11.08 -17.50
CA ASP B 76 -18.31 12.03 -17.96
C ASP B 76 -17.95 13.43 -17.49
N ASP B 77 -17.45 13.54 -16.26
CA ASP B 77 -17.08 14.84 -15.71
C ASP B 77 -15.85 15.38 -16.47
N VAL B 78 -14.89 14.51 -16.74
CA VAL B 78 -13.69 14.90 -17.47
C VAL B 78 -14.06 15.48 -18.83
N LEU B 79 -14.92 14.76 -19.54
CA LEU B 79 -15.39 15.17 -20.86
C LEU B 79 -16.14 16.50 -20.84
N GLU B 80 -16.91 16.73 -19.78
CA GLU B 80 -17.69 17.96 -19.68
C GLU B 80 -16.84 19.22 -19.65
N HIS B 81 -15.62 19.11 -19.12
CA HIS B 81 -14.74 20.26 -19.03
C HIS B 81 -13.77 20.47 -20.18
N MET B 82 -13.71 19.51 -21.12
CA MET B 82 -12.83 19.68 -22.26
C MET B 82 -13.64 19.95 -23.52
N SER B 83 -13.02 20.65 -24.46
CA SER B 83 -13.65 21.01 -25.73
C SER B 83 -14.18 19.77 -26.45
N PHE B 84 -15.11 19.98 -27.37
CA PHE B 84 -15.68 18.88 -28.13
C PHE B 84 -14.59 18.04 -28.80
N ALA B 85 -13.60 18.72 -29.36
CA ALA B 85 -12.50 18.06 -30.03
C ALA B 85 -11.72 17.12 -29.12
N ASP B 86 -11.20 17.66 -28.02
CA ASP B 86 -10.43 16.85 -27.09
C ASP B 86 -11.25 15.70 -26.50
N GLY B 87 -12.56 15.91 -26.38
CA GLY B 87 -13.44 14.89 -25.85
C GLY B 87 -13.54 13.74 -26.84
N GLU B 88 -13.61 14.09 -28.12
CA GLU B 88 -13.70 13.13 -29.20
C GLU B 88 -12.47 12.21 -29.12
N ALA B 89 -11.31 12.84 -28.94
CA ALA B 89 -10.04 12.11 -28.85
C ALA B 89 -9.95 11.26 -27.58
N TYR B 90 -10.49 11.78 -26.49
CA TYR B 90 -10.47 11.09 -25.21
C TYR B 90 -11.15 9.73 -25.38
N ASN B 91 -12.37 9.73 -25.92
CA ASN B 91 -13.12 8.51 -26.14
C ASN B 91 -12.44 7.59 -27.16
N ASN B 92 -11.97 8.18 -28.26
CA ASN B 92 -11.30 7.40 -29.29
C ASN B 92 -10.10 6.67 -28.72
N ARG B 93 -9.50 7.25 -27.69
CA ARG B 93 -8.34 6.61 -27.08
C ARG B 93 -8.78 5.48 -26.15
N LEU B 94 -9.87 5.72 -25.44
CA LEU B 94 -10.37 4.77 -24.46
C LEU B 94 -11.22 3.61 -24.95
N ILE B 95 -12.03 3.81 -26.00
CA ILE B 95 -12.85 2.72 -26.49
C ILE B 95 -12.01 1.52 -26.94
N PRO B 96 -10.98 1.73 -27.78
CA PRO B 96 -10.16 0.60 -28.23
C PRO B 96 -9.57 -0.16 -27.02
N ILE B 97 -9.17 0.61 -26.01
CA ILE B 97 -8.60 0.02 -24.81
C ILE B 97 -9.65 -0.77 -24.05
N SER B 98 -10.88 -0.26 -24.04
CA SER B 98 -11.98 -0.93 -23.35
C SER B 98 -12.31 -2.26 -24.04
N ARG B 99 -12.13 -2.31 -25.35
CA ARG B 99 -12.40 -3.53 -26.11
C ARG B 99 -11.34 -4.57 -25.77
N GLY B 100 -10.21 -4.08 -25.28
CA GLY B 100 -9.10 -4.96 -24.94
C GLY B 100 -8.20 -5.15 -26.16
N ASP B 101 -8.39 -4.29 -27.17
CA ASP B 101 -7.60 -4.38 -28.39
C ASP B 101 -6.29 -3.62 -28.26
N VAL B 102 -6.21 -2.74 -27.26
CA VAL B 102 -5.00 -1.96 -27.05
C VAL B 102 -4.59 -1.98 -25.59
N LEU B 103 -3.32 -2.27 -25.33
CA LEU B 103 -2.82 -2.31 -23.96
C LEU B 103 -2.78 -0.88 -23.41
N PRO B 104 -3.08 -0.73 -22.10
CA PRO B 104 -3.10 0.58 -21.45
C PRO B 104 -1.75 1.11 -20.99
N ASP B 105 -1.64 2.43 -20.99
CA ASP B 105 -0.43 3.13 -20.53
C ASP B 105 -0.55 3.10 -19.00
N ARG B 106 0.20 2.20 -18.36
CA ARG B 106 0.15 2.02 -16.92
C ARG B 106 0.28 3.25 -16.02
N THR B 107 0.48 4.43 -16.60
CA THR B 107 0.60 5.65 -15.78
C THR B 107 -0.63 6.53 -15.99
N LYS B 108 -1.58 6.04 -16.78
CA LYS B 108 -2.81 6.76 -17.05
C LYS B 108 -3.97 5.94 -16.48
N PRO B 109 -4.48 6.34 -15.30
CA PRO B 109 -5.58 5.62 -14.65
C PRO B 109 -6.80 5.44 -15.54
N GLU B 110 -7.15 6.48 -16.31
CA GLU B 110 -8.32 6.39 -17.17
C GLU B 110 -8.13 5.28 -18.20
N GLU B 111 -6.88 4.91 -18.44
CA GLU B 111 -6.58 3.86 -19.38
C GLU B 111 -6.54 2.49 -18.72
N PHE B 112 -5.74 2.33 -17.66
CA PHE B 112 -5.66 1.02 -17.06
C PHE B 112 -6.86 0.59 -16.22
N ILE B 113 -7.60 1.54 -15.65
CA ILE B 113 -8.78 1.19 -14.87
C ILE B 113 -9.81 0.54 -15.79
N LEU B 114 -10.09 1.19 -16.92
CA LEU B 114 -11.05 0.66 -17.88
C LEU B 114 -10.56 -0.68 -18.42
N TYR B 115 -9.28 -0.74 -18.78
CA TYR B 115 -8.72 -1.96 -19.33
C TYR B 115 -8.91 -3.10 -18.36
N ASP B 116 -8.41 -2.93 -17.13
CA ASP B 116 -8.54 -3.99 -16.13
C ASP B 116 -9.99 -4.35 -15.83
N LEU B 117 -10.87 -3.35 -15.86
CA LEU B 117 -12.29 -3.56 -15.57
C LEU B 117 -12.93 -4.48 -16.61
N TRP B 118 -12.86 -4.07 -17.87
CA TRP B 118 -13.46 -4.86 -18.94
C TRP B 118 -12.85 -6.24 -19.08
N GLU B 119 -11.53 -6.34 -18.90
CA GLU B 119 -10.88 -7.63 -18.98
C GLU B 119 -11.45 -8.55 -17.89
N SER B 120 -11.52 -8.04 -16.66
CA SER B 120 -12.03 -8.84 -15.57
C SER B 120 -13.50 -9.17 -15.75
N MET B 121 -14.22 -8.33 -16.48
CA MET B 121 -15.64 -8.59 -16.72
C MET B 121 -15.80 -9.72 -17.72
N ARG B 122 -15.10 -9.62 -18.85
CA ARG B 122 -15.17 -10.69 -19.84
C ARG B 122 -14.74 -12.00 -19.22
N ALA B 123 -13.69 -11.94 -18.40
CA ALA B 123 -13.16 -13.13 -17.74
C ALA B 123 -14.20 -13.78 -16.84
N HIS B 124 -15.14 -12.98 -16.34
CA HIS B 124 -16.17 -13.51 -15.46
C HIS B 124 -17.32 -14.09 -16.25
N ASP B 125 -17.75 -13.36 -17.27
CA ASP B 125 -18.84 -13.76 -18.15
C ASP B 125 -18.69 -12.98 -19.46
N ALA B 126 -17.92 -13.53 -20.37
CA ALA B 126 -17.66 -12.87 -21.65
C ALA B 126 -18.90 -12.60 -22.49
N GLU B 127 -19.81 -13.56 -22.53
CA GLU B 127 -21.04 -13.42 -23.31
C GLU B 127 -21.85 -12.16 -22.89
N LEU B 128 -22.09 -12.01 -21.59
CA LEU B 128 -22.85 -10.85 -21.10
C LEU B 128 -21.98 -9.61 -21.03
N ALA B 129 -20.70 -9.79 -20.72
CA ALA B 129 -19.78 -8.67 -20.63
C ALA B 129 -19.88 -7.91 -21.95
N ASN B 130 -19.80 -8.65 -23.05
CA ASN B 130 -19.85 -8.04 -24.37
C ASN B 130 -21.21 -7.39 -24.68
N GLU B 131 -22.25 -7.84 -23.99
CA GLU B 131 -23.58 -7.25 -24.18
C GLU B 131 -23.62 -5.81 -23.66
N VAL B 132 -22.66 -5.45 -22.81
CA VAL B 132 -22.64 -4.12 -22.22
C VAL B 132 -21.70 -3.16 -22.95
N LEU B 133 -20.80 -3.71 -23.75
CA LEU B 133 -19.82 -2.89 -24.48
C LEU B 133 -20.36 -1.75 -25.32
N GLU B 134 -21.19 -2.08 -26.31
CA GLU B 134 -21.73 -1.04 -27.16
C GLU B 134 -22.50 0.02 -26.39
N PRO B 135 -23.47 -0.40 -25.58
CA PRO B 135 -24.22 0.59 -24.81
C PRO B 135 -23.26 1.57 -24.11
N THR B 136 -22.16 1.05 -23.59
CA THR B 136 -21.20 1.90 -22.90
C THR B 136 -20.56 2.91 -23.85
N PHE B 137 -20.16 2.44 -25.04
CA PHE B 137 -19.54 3.33 -26.02
C PHE B 137 -20.52 4.38 -26.52
N VAL B 138 -21.74 3.95 -26.83
CA VAL B 138 -22.77 4.86 -27.31
C VAL B 138 -22.91 5.97 -26.26
N PHE B 139 -22.86 5.56 -25.00
CA PHE B 139 -23.01 6.48 -23.88
C PHE B 139 -21.87 7.49 -23.76
N MET B 140 -20.62 7.01 -23.79
CA MET B 140 -19.52 7.96 -23.65
C MET B 140 -19.32 8.85 -24.88
N ARG B 141 -19.80 8.39 -26.03
CA ARG B 141 -19.68 9.20 -27.24
C ARG B 141 -20.75 10.29 -27.21
N ALA B 142 -21.82 10.03 -26.48
CA ALA B 142 -22.91 10.99 -26.38
C ALA B 142 -22.61 12.09 -25.35
N GLN B 143 -21.48 11.99 -24.67
CA GLN B 143 -21.13 12.99 -23.67
C GLN B 143 -20.30 14.14 -24.25
N THR B 144 -20.03 14.08 -25.55
CA THR B 144 -19.25 15.12 -26.20
C THR B 144 -20.14 16.09 -26.97
N ASP B 145 -20.99 15.54 -27.83
CA ASP B 145 -21.91 16.34 -28.65
C ASP B 145 -22.74 17.31 -27.83
N ARG B 146 -22.56 18.60 -28.10
CA ARG B 146 -23.26 19.67 -27.40
C ARG B 146 -24.55 20.07 -28.12
N ALA B 147 -24.84 21.38 -28.11
CA ALA B 147 -26.02 21.96 -28.74
C ALA B 147 -27.30 21.46 -28.10
N ARG B 148 -27.99 20.56 -28.79
CA ARG B 148 -29.23 19.99 -28.28
C ARG B 148 -30.23 21.12 -28.10
N LEU B 149 -31.02 21.36 -29.14
CA LEU B 149 -32.04 22.41 -29.14
C LEU B 149 -33.13 22.10 -28.12
N SER B 150 -33.12 22.82 -27.01
CA SER B 150 -34.10 22.62 -25.94
C SER B 150 -35.53 22.42 -26.46
N ILE B 151 -36.17 21.35 -26.00
CA ILE B 151 -37.53 21.01 -26.40
C ILE B 151 -38.57 21.69 -25.53
N HIS B 152 -39.75 21.97 -26.09
CA HIS B 152 -40.80 22.66 -25.33
C HIS B 152 -42.17 21.98 -25.18
N GLU B 153 -42.39 20.84 -25.82
CA GLU B 153 -43.66 20.14 -25.65
C GLU B 153 -43.45 18.91 -24.77
N LEU B 154 -44.52 18.44 -24.16
CA LEU B 154 -44.45 17.29 -23.26
C LEU B 154 -44.18 16.00 -24.01
N GLY B 155 -44.93 15.77 -25.09
CA GLY B 155 -44.77 14.56 -25.87
C GLY B 155 -43.34 14.39 -26.37
N HIS B 156 -42.83 15.41 -27.06
CA HIS B 156 -41.47 15.34 -27.57
C HIS B 156 -40.42 15.22 -26.49
N TYR B 157 -40.71 15.71 -25.30
CA TYR B 157 -39.73 15.63 -24.21
C TYR B 157 -39.65 14.20 -23.71
N LEU B 158 -40.80 13.58 -23.54
CA LEU B 158 -40.83 12.21 -23.07
C LEU B 158 -40.23 11.29 -24.15
N GLU B 159 -40.59 11.51 -25.40
CA GLU B 159 -40.06 10.69 -26.49
C GLU B 159 -38.54 10.77 -26.48
N TYR B 160 -38.03 11.94 -26.13
CA TYR B 160 -36.59 12.14 -26.09
C TYR B 160 -35.94 11.36 -24.96
N ARG B 161 -36.60 11.34 -23.80
CA ARG B 161 -36.07 10.63 -22.66
C ARG B 161 -36.13 9.12 -22.84
N GLU B 162 -37.15 8.65 -23.54
CA GLU B 162 -37.29 7.21 -23.77
C GLU B 162 -36.03 6.64 -24.40
N LYS B 163 -35.38 7.45 -25.24
CA LYS B 163 -34.18 7.06 -25.96
C LYS B 163 -32.88 7.43 -25.26
N ASP B 164 -32.95 7.79 -23.98
CA ASP B 164 -31.76 8.15 -23.24
C ASP B 164 -30.72 7.02 -23.25
N VAL B 165 -29.55 7.27 -23.82
CA VAL B 165 -28.51 6.25 -23.90
C VAL B 165 -28.02 5.76 -22.53
N GLY B 166 -28.12 6.61 -21.52
CA GLY B 166 -27.70 6.22 -20.19
C GLY B 166 -28.61 5.13 -19.64
N LYS B 167 -29.91 5.33 -19.76
CA LYS B 167 -30.88 4.36 -19.26
C LYS B 167 -30.77 3.04 -19.99
N ALA B 168 -30.31 3.09 -21.24
CA ALA B 168 -30.13 1.89 -22.04
C ALA B 168 -28.93 1.12 -21.49
N LEU B 169 -27.90 1.87 -21.09
CA LEU B 169 -26.69 1.28 -20.53
C LEU B 169 -27.01 0.58 -19.21
N LEU B 170 -27.88 1.20 -18.41
CA LEU B 170 -28.29 0.64 -17.12
C LEU B 170 -28.93 -0.73 -17.30
N SER B 171 -29.84 -0.84 -18.24
CA SER B 171 -30.51 -2.12 -18.48
C SER B 171 -29.55 -3.22 -18.91
N ALA B 172 -28.59 -2.88 -19.77
CA ALA B 172 -27.61 -3.85 -20.23
C ALA B 172 -26.75 -4.26 -19.04
N LEU B 173 -26.20 -3.28 -18.34
CA LEU B 173 -25.34 -3.53 -17.18
C LEU B 173 -26.12 -4.37 -16.18
N MET B 174 -27.42 -4.11 -16.06
CA MET B 174 -28.25 -4.87 -15.13
C MET B 174 -28.30 -6.35 -15.52
N ARG B 175 -28.53 -6.64 -16.80
CA ARG B 175 -28.60 -8.02 -17.23
C ARG B 175 -27.30 -8.74 -16.85
N PHE B 176 -26.18 -8.07 -17.10
CA PHE B 176 -24.87 -8.63 -16.78
C PHE B 176 -24.73 -8.90 -15.28
N SER B 177 -25.09 -7.89 -14.48
CA SER B 177 -25.00 -7.97 -13.03
C SER B 177 -25.91 -9.04 -12.44
N MET B 178 -26.98 -9.35 -13.14
CA MET B 178 -27.92 -10.35 -12.64
C MET B 178 -27.69 -11.67 -13.33
N GLY B 179 -26.80 -11.67 -14.33
CA GLY B 179 -26.51 -12.89 -15.04
C GLY B 179 -27.70 -13.35 -15.89
N LEU B 180 -28.50 -12.38 -16.33
CA LEU B 180 -29.70 -12.66 -17.12
C LEU B 180 -29.38 -12.92 -18.59
N ARG B 181 -29.79 -14.08 -19.09
CA ARG B 181 -29.52 -14.41 -20.50
C ARG B 181 -30.82 -14.45 -21.29
N LEU B 182 -31.13 -13.33 -21.94
CA LEU B 182 -32.34 -13.21 -22.74
C LEU B 182 -32.03 -13.32 -24.23
N SER B 183 -32.99 -13.82 -24.98
CA SER B 183 -32.85 -13.97 -26.43
C SER B 183 -33.11 -12.62 -27.10
N ALA B 184 -32.69 -12.50 -28.36
CA ALA B 184 -32.89 -11.27 -29.12
C ALA B 184 -34.39 -10.93 -29.17
N ASP B 185 -35.21 -11.94 -29.35
CA ASP B 185 -36.65 -11.73 -29.39
C ASP B 185 -37.13 -11.16 -28.07
N GLU B 186 -36.71 -11.78 -26.98
CA GLU B 186 -37.10 -11.30 -25.66
C GLU B 186 -36.76 -9.84 -25.45
N LEU B 187 -35.55 -9.44 -25.83
CA LEU B 187 -35.10 -8.06 -25.67
C LEU B 187 -35.91 -7.09 -26.52
N GLN B 188 -36.23 -7.52 -27.74
CA GLN B 188 -36.99 -6.70 -28.66
C GLN B 188 -38.42 -6.51 -28.14
N ASP B 189 -38.99 -7.58 -27.62
CA ASP B 189 -40.35 -7.54 -27.07
C ASP B 189 -40.36 -6.80 -25.75
N MET B 190 -39.19 -6.29 -25.37
CA MET B 190 -39.06 -5.59 -24.09
C MET B 190 -39.00 -4.07 -24.26
N LYS B 191 -38.74 -3.63 -25.48
CA LYS B 191 -38.63 -2.19 -25.77
C LYS B 191 -39.71 -1.29 -25.18
N ALA B 192 -40.97 -1.69 -25.32
CA ALA B 192 -42.04 -0.86 -24.78
C ALA B 192 -41.82 -0.61 -23.29
N LEU B 193 -41.68 -1.71 -22.53
CA LEU B 193 -41.50 -1.63 -21.09
C LEU B 193 -40.28 -0.78 -20.74
N GLU B 194 -39.25 -0.92 -21.56
CA GLU B 194 -38.01 -0.17 -21.36
C GLU B 194 -38.22 1.32 -21.58
N ALA B 195 -38.98 1.66 -22.62
CA ALA B 195 -39.28 3.06 -22.94
C ALA B 195 -40.01 3.69 -21.76
N ASN B 196 -41.05 3.00 -21.30
CA ASN B 196 -41.84 3.47 -20.18
C ASN B 196 -40.92 3.67 -18.97
N CYS B 197 -40.00 2.72 -18.75
CA CYS B 197 -39.10 2.81 -17.62
C CYS B 197 -38.20 4.03 -17.72
N ALA B 198 -37.54 4.21 -18.87
CA ALA B 198 -36.65 5.34 -19.10
C ALA B 198 -37.40 6.64 -18.83
N LYS B 199 -38.63 6.71 -19.35
CA LYS B 199 -39.47 7.88 -19.17
C LYS B 199 -39.71 8.15 -17.68
N GLN B 200 -40.10 7.11 -16.95
CA GLN B 200 -40.39 7.25 -15.53
C GLN B 200 -39.17 7.71 -14.74
N LEU B 201 -38.01 7.15 -15.04
CA LEU B 201 -36.80 7.51 -14.34
C LEU B 201 -36.47 8.99 -14.51
N SER B 202 -36.66 9.49 -15.73
CA SER B 202 -36.38 10.88 -16.03
C SER B 202 -37.25 11.85 -15.26
N VAL B 203 -38.55 11.73 -15.42
CA VAL B 203 -39.48 12.62 -14.73
C VAL B 203 -39.21 12.64 -13.24
N VAL B 204 -38.95 11.49 -12.64
CA VAL B 204 -38.67 11.48 -11.20
C VAL B 204 -37.36 12.25 -10.94
N ASN B 205 -36.37 12.06 -11.81
CA ASN B 205 -35.12 12.78 -11.64
C ASN B 205 -35.41 14.27 -11.76
N ASP B 206 -36.16 14.65 -12.78
CA ASP B 206 -36.51 16.06 -12.99
C ASP B 206 -37.22 16.66 -11.79
N ILE B 207 -38.26 15.97 -11.30
CA ILE B 207 -39.01 16.47 -10.15
C ILE B 207 -38.06 16.87 -9.02
N TYR B 208 -37.05 16.04 -8.74
CA TYR B 208 -36.10 16.33 -7.67
C TYR B 208 -34.91 17.20 -8.07
N SER B 209 -34.66 17.36 -9.35
CA SER B 209 -33.52 18.18 -9.76
C SER B 209 -33.91 19.59 -10.20
N TYR B 210 -35.20 19.89 -10.28
CA TYR B 210 -35.62 21.22 -10.71
C TYR B 210 -35.05 22.39 -9.89
N ASP B 211 -35.30 22.37 -8.58
CA ASP B 211 -34.82 23.44 -7.73
C ASP B 211 -33.34 23.76 -7.96
N LYS B 212 -32.47 22.81 -7.61
CA LYS B 212 -31.02 22.98 -7.75
C LYS B 212 -30.56 23.33 -9.16
N GLU B 213 -31.37 22.97 -10.14
CA GLU B 213 -31.02 23.25 -11.53
C GLU B 213 -31.29 24.70 -11.87
N GLU B 214 -31.41 25.55 -10.84
CA GLU B 214 -31.67 26.97 -11.03
C GLU B 214 -30.45 27.88 -10.84
N GLU B 215 -30.06 28.50 -11.94
CA GLU B 215 -28.93 29.42 -11.99
C GLU B 215 -29.10 30.31 -13.24
N ALA B 216 -29.49 29.69 -14.34
CA ALA B 216 -29.71 30.37 -15.61
C ALA B 216 -30.17 29.37 -16.67
N LEU B 227 -33.47 24.76 -20.10
CA LEU B 227 -32.99 23.44 -19.59
C LEU B 227 -34.01 22.34 -19.87
N CYS B 228 -33.53 21.14 -20.19
CA CYS B 228 -34.41 20.01 -20.47
C CYS B 228 -34.96 19.42 -19.18
N SER B 229 -36.18 19.81 -18.85
CA SER B 229 -36.83 19.33 -17.64
C SER B 229 -38.32 19.19 -17.90
N ALA B 230 -38.88 18.06 -17.48
CA ALA B 230 -40.31 17.82 -17.65
C ALA B 230 -41.03 18.84 -16.77
N VAL B 231 -40.35 19.28 -15.70
CA VAL B 231 -40.94 20.26 -14.81
C VAL B 231 -41.14 21.58 -15.54
N LYS B 232 -40.10 22.02 -16.25
CA LYS B 232 -40.20 23.27 -16.99
C LYS B 232 -41.19 23.13 -18.12
N VAL B 233 -41.02 22.08 -18.92
CA VAL B 233 -41.89 21.83 -20.05
C VAL B 233 -43.37 21.83 -19.71
N LEU B 234 -43.77 21.06 -18.72
CA LEU B 234 -45.18 21.00 -18.35
C LEU B 234 -45.71 22.26 -17.68
N ALA B 235 -44.89 22.86 -16.83
CA ALA B 235 -45.28 24.09 -16.13
C ALA B 235 -45.67 25.20 -17.09
N GLU B 236 -45.02 25.24 -18.24
CA GLU B 236 -45.33 26.27 -19.23
C GLU B 236 -46.55 25.89 -20.04
N GLU B 237 -46.59 24.66 -20.53
CA GLU B 237 -47.70 24.20 -21.34
C GLU B 237 -49.02 24.32 -20.61
N SER B 238 -49.01 24.09 -19.31
CA SER B 238 -50.23 24.13 -18.52
C SER B 238 -50.43 25.46 -17.79
N LYS B 239 -49.39 26.27 -17.76
CA LYS B 239 -49.45 27.55 -17.08
C LYS B 239 -49.66 27.36 -15.57
N LEU B 240 -49.06 26.31 -15.01
CA LEU B 240 -49.19 26.06 -13.57
C LEU B 240 -47.90 26.44 -12.85
N GLY B 241 -48.00 26.57 -11.53
CA GLY B 241 -46.83 26.92 -10.73
C GLY B 241 -45.96 25.69 -10.53
N ILE B 242 -44.71 25.87 -10.12
CA ILE B 242 -43.82 24.75 -9.91
C ILE B 242 -44.37 23.69 -8.94
N PRO B 243 -44.83 24.10 -7.75
CA PRO B 243 -45.36 23.10 -6.82
C PRO B 243 -46.48 22.25 -7.46
N ALA B 244 -47.39 22.91 -8.17
CA ALA B 244 -48.50 22.24 -8.84
C ALA B 244 -47.98 21.30 -9.93
N THR B 245 -47.17 21.83 -10.84
CA THR B 245 -46.60 21.06 -11.92
C THR B 245 -46.02 19.76 -11.37
N LYS B 246 -45.18 19.90 -10.34
CA LYS B 246 -44.57 18.75 -9.69
C LYS B 246 -45.60 17.73 -9.24
N ARG B 247 -46.69 18.20 -8.62
CA ARG B 247 -47.73 17.28 -8.16
C ARG B 247 -48.34 16.55 -9.36
N VAL B 248 -48.48 17.25 -10.49
CA VAL B 248 -49.03 16.65 -11.67
C VAL B 248 -48.06 15.62 -12.25
N LEU B 249 -46.77 15.92 -12.24
CA LEU B 249 -45.78 14.99 -12.77
C LEU B 249 -45.76 13.74 -11.88
N TRP B 250 -45.90 13.94 -10.58
CA TRP B 250 -45.94 12.83 -9.66
C TRP B 250 -47.15 11.97 -10.00
N SER B 251 -48.24 12.63 -10.37
CA SER B 251 -49.49 11.97 -10.74
C SER B 251 -49.24 11.05 -11.94
N MET B 252 -48.59 11.60 -12.96
CA MET B 252 -48.29 10.83 -14.17
C MET B 252 -47.32 9.69 -13.85
N THR B 253 -46.29 10.00 -13.05
CA THR B 253 -45.31 9.00 -12.67
C THR B 253 -46.00 7.74 -12.12
N ARG B 254 -46.96 7.92 -11.23
CA ARG B 254 -47.69 6.80 -10.65
C ARG B 254 -48.51 6.02 -11.69
N GLU B 255 -48.95 6.73 -12.74
CA GLU B 255 -49.74 6.12 -13.80
C GLU B 255 -48.82 5.28 -14.69
N TRP B 256 -47.58 5.73 -14.86
CA TRP B 256 -46.64 4.98 -15.67
C TRP B 256 -46.20 3.73 -14.91
N GLU B 257 -46.25 3.80 -13.58
CA GLU B 257 -45.87 2.66 -12.77
C GLU B 257 -46.96 1.63 -12.94
N THR B 258 -48.19 2.10 -13.11
CA THR B 258 -49.32 1.21 -13.31
C THR B 258 -49.23 0.61 -14.73
N VAL B 259 -48.74 1.42 -15.69
CA VAL B 259 -48.57 0.92 -17.05
C VAL B 259 -47.53 -0.20 -17.05
N HIS B 260 -46.50 -0.04 -16.21
CA HIS B 260 -45.45 -1.05 -16.08
C HIS B 260 -46.07 -2.36 -15.59
N ASP B 261 -46.86 -2.28 -14.52
CA ASP B 261 -47.51 -3.45 -13.98
C ASP B 261 -48.39 -4.15 -15.01
N GLU B 262 -49.15 -3.39 -15.78
CA GLU B 262 -50.02 -3.99 -16.77
C GLU B 262 -49.25 -4.71 -17.87
N ILE B 263 -48.18 -4.10 -18.36
CA ILE B 263 -47.37 -4.72 -19.40
C ILE B 263 -46.73 -6.01 -18.88
N VAL B 264 -46.30 -5.99 -17.63
CA VAL B 264 -45.66 -7.14 -17.03
C VAL B 264 -46.66 -8.28 -16.95
N ALA B 265 -47.76 -8.06 -16.23
CA ALA B 265 -48.81 -9.06 -16.08
C ALA B 265 -49.27 -9.60 -17.44
N GLU B 266 -49.31 -8.72 -18.43
CA GLU B 266 -49.72 -9.08 -19.78
C GLU B 266 -48.76 -10.05 -20.45
N LYS B 267 -47.46 -9.82 -20.25
CA LYS B 267 -46.44 -10.68 -20.84
C LYS B 267 -46.31 -11.99 -20.07
N ILE B 268 -46.62 -11.94 -18.79
CA ILE B 268 -46.55 -13.12 -17.95
C ILE B 268 -47.71 -14.06 -18.23
N ALA B 269 -48.92 -13.50 -18.31
CA ALA B 269 -50.09 -14.32 -18.58
C ALA B 269 -50.20 -14.60 -20.07
N SER B 270 -49.20 -14.20 -20.83
CA SER B 270 -49.18 -14.42 -22.28
C SER B 270 -49.28 -15.90 -22.64
N PRO B 271 -49.79 -16.19 -23.85
CA PRO B 271 -49.95 -17.58 -24.34
C PRO B 271 -48.61 -18.25 -24.61
N ASP B 272 -47.68 -17.48 -25.17
CA ASP B 272 -46.35 -17.98 -25.53
C ASP B 272 -45.46 -18.21 -24.31
N GLY B 273 -45.91 -17.76 -23.14
CA GLY B 273 -45.14 -17.94 -21.94
C GLY B 273 -44.20 -16.78 -21.65
N CYS B 274 -43.48 -16.90 -20.54
CA CYS B 274 -42.54 -15.87 -20.11
C CYS B 274 -41.41 -16.53 -19.33
N SER B 275 -40.21 -16.56 -19.90
CA SER B 275 -39.06 -17.19 -19.25
C SER B 275 -38.73 -16.60 -17.88
N GLU B 276 -37.99 -17.36 -17.07
CA GLU B 276 -37.61 -16.90 -15.75
C GLU B 276 -36.65 -15.70 -15.88
N ALA B 277 -35.87 -15.70 -16.96
CA ALA B 277 -34.91 -14.63 -17.19
C ALA B 277 -35.67 -13.33 -17.50
N ALA B 278 -36.69 -13.45 -18.35
CA ALA B 278 -37.51 -12.32 -18.72
C ALA B 278 -38.17 -11.76 -17.46
N LYS B 279 -38.79 -12.65 -16.69
CA LYS B 279 -39.46 -12.25 -15.46
C LYS B 279 -38.53 -11.49 -14.53
N ALA B 280 -37.33 -12.03 -14.34
CA ALA B 280 -36.33 -11.44 -13.47
C ALA B 280 -35.96 -10.07 -14.01
N TYR B 281 -35.86 -9.97 -15.33
CA TYR B 281 -35.51 -8.73 -16.01
C TYR B 281 -36.54 -7.62 -15.78
N MET B 282 -37.81 -7.97 -15.86
CA MET B 282 -38.86 -7.00 -15.66
C MET B 282 -38.86 -6.52 -14.23
N LYS B 283 -38.66 -7.45 -13.30
CA LYS B 283 -38.64 -7.09 -11.90
C LYS B 283 -37.42 -6.21 -11.64
N GLY B 284 -36.39 -6.40 -12.45
CA GLY B 284 -35.16 -5.64 -12.33
C GLY B 284 -35.40 -4.19 -12.67
N LEU B 285 -36.25 -3.98 -13.68
CA LEU B 285 -36.59 -2.63 -14.12
C LEU B 285 -37.38 -1.96 -13.00
N GLU B 286 -38.26 -2.73 -12.37
CA GLU B 286 -39.07 -2.20 -11.28
C GLU B 286 -38.14 -1.61 -10.23
N TYR B 287 -37.10 -2.37 -9.88
CA TYR B 287 -36.13 -1.93 -8.88
C TYR B 287 -35.34 -0.72 -9.31
N GLN B 288 -35.02 -0.62 -10.59
CA GLN B 288 -34.32 0.55 -11.08
C GLN B 288 -35.15 1.79 -10.75
N MET B 289 -36.45 1.72 -11.01
CA MET B 289 -37.32 2.86 -10.77
C MET B 289 -37.52 3.16 -9.29
N SER B 290 -37.80 2.14 -8.50
CA SER B 290 -38.00 2.36 -7.06
C SER B 290 -36.69 2.80 -6.40
N GLY B 291 -35.59 2.21 -6.85
CA GLY B 291 -34.29 2.57 -6.31
C GLY B 291 -33.92 3.99 -6.69
N ASN B 292 -34.21 4.35 -7.94
CA ASN B 292 -33.90 5.68 -8.43
C ASN B 292 -34.61 6.73 -7.60
N GLU B 293 -35.87 6.46 -7.26
CA GLU B 293 -36.63 7.40 -6.47
C GLU B 293 -36.03 7.52 -5.08
N GLN B 294 -35.86 6.39 -4.40
CA GLN B 294 -35.29 6.37 -3.06
C GLN B 294 -34.01 7.19 -3.03
N TRP B 295 -33.21 7.05 -4.08
CA TRP B 295 -31.96 7.78 -4.15
C TRP B 295 -32.19 9.27 -4.39
N SER B 296 -33.00 9.62 -5.37
CA SER B 296 -33.29 11.03 -5.69
C SER B 296 -33.92 11.72 -4.47
N LYS B 297 -34.68 10.95 -3.72
CA LYS B 297 -35.37 11.39 -2.54
C LYS B 297 -34.40 11.70 -1.41
N THR B 298 -33.20 11.14 -1.45
CA THR B 298 -32.19 11.36 -0.42
C THR B 298 -30.79 11.43 -1.04
N THR B 299 -30.38 12.61 -1.48
CA THR B 299 -29.07 12.72 -2.10
C THR B 299 -28.42 14.10 -1.96
N ARG B 300 -27.35 14.30 -2.74
CA ARG B 300 -26.62 15.56 -2.78
C ARG B 300 -26.58 16.28 -1.43
#